data_7BY4
#
_entry.id   7BY4
#
_cell.length_a   66.705
_cell.length_b   79.387
_cell.length_c   89.753
_cell.angle_alpha   90.000
_cell.angle_beta   90.000
_cell.angle_gamma   90.000
#
_symmetry.space_group_name_H-M   'P 21 21 21'
#
loop_
_entity.id
_entity.type
_entity.pdbx_description
1 polymer 'Tetanus toxin'
2 non-polymer 2-[BIS-(2-HYDROXY-ETHYL)-AMINO]-2-HYDROXYMETHYL-PROPANE-1,3-DIOL
3 non-polymer 'SODIUM ION'
4 non-polymer GLYCEROL
5 water water
#
_entity_poly.entity_id   1
_entity_poly.type   'polypeptide(L)'
_entity_poly.pdbx_seq_one_letter_code
;KNLDCWVDNEEDIDVILKKSTILNLDINNDIISDISGFNSSVITYPDAQLVPGINGKAIHLVNNESSEVIVHKAMDIEYN
DMFNNFTVSFWLRVPKVSASHLEQYGTNEYSIISSMKKHSLSIGSGWSVSLKGNNLIWTLKDSAGEVRQITFRDLPDKFN
AYLANKWVFITITNDRLSSANLYINGVLMGSAEITGLGAIREDNNITLKLDRCNNNNQYVSIDKFRIF(CSO)KALNPKE
IEKLYTSYLSITFLRDFWGNPLRYDTEYYLIPVASSSKDVQLKNITDYMYLTNAPSYTNGKLNIYYRRLYNGLKFIIKRY
TPNNEIDSFVKSGDFIKLYVSYNNNEHIVGYPKDGNAFNNLDRILRVGYNAPGIPLYKKMEAVKLRDLKTYSVQLKLYDD
KNASLGLVGTHNGQIGNDPNRDILIASNWYFNHLKDKILGCDWYFVPTDEGWTND
;
_entity_poly.pdbx_strand_id   A
#
loop_
_chem_comp.id
_chem_comp.type
_chem_comp.name
_chem_comp.formula
BTB non-polymer 2-[BIS-(2-HYDROXY-ETHYL)-AMINO]-2-HYDROXYMETHYL-PROPANE-1,3-DIOL 'C8 H19 N O5'
GOL non-polymer GLYCEROL 'C3 H8 O3'
NA non-polymer 'SODIUM ION' 'Na 1'
#
# COMPACT_ATOMS: atom_id res chain seq x y z
N GLU A 11 -28.72 -7.87 9.17
CA GLU A 11 -28.46 -8.76 8.03
C GLU A 11 -26.95 -8.97 7.90
N ASP A 12 -26.57 -10.11 7.31
CA ASP A 12 -25.19 -10.56 7.23
C ASP A 12 -24.38 -9.62 6.32
N ILE A 13 -23.22 -9.14 6.79
CA ILE A 13 -22.51 -8.09 6.05
C ILE A 13 -22.02 -8.62 4.71
N ASP A 14 -21.49 -9.85 4.64
CA ASP A 14 -20.98 -10.33 3.38
C ASP A 14 -22.11 -10.37 2.35
N VAL A 15 -23.32 -10.76 2.78
CA VAL A 15 -24.45 -10.78 1.87
C VAL A 15 -24.76 -9.36 1.38
N ILE A 16 -24.82 -8.40 2.30
CA ILE A 16 -25.12 -7.02 1.93
C ILE A 16 -24.11 -6.50 0.91
N LEU A 17 -22.82 -6.77 1.15
CA LEU A 17 -21.80 -6.27 0.24
C LEU A 17 -21.96 -6.86 -1.16
N LYS A 18 -22.26 -8.16 -1.22
CA LYS A 18 -22.40 -8.85 -2.51
C LYS A 18 -23.65 -8.36 -3.22
N LYS A 19 -24.78 -8.37 -2.51
CA LYS A 19 -26.07 -8.06 -3.14
C LYS A 19 -26.11 -6.61 -3.63
N SER A 20 -25.41 -5.70 -2.94
CA SER A 20 -25.53 -4.28 -3.27
C SER A 20 -24.48 -3.85 -4.31
N THR A 21 -23.63 -4.77 -4.78
CA THR A 21 -22.60 -4.44 -5.77
C THR A 21 -23.24 -4.37 -7.17
N ILE A 22 -23.02 -3.23 -7.86
CA ILE A 22 -23.57 -3.04 -9.18
C ILE A 22 -22.47 -2.90 -10.24
N LEU A 23 -21.20 -2.84 -9.83
CA LEU A 23 -20.07 -2.79 -10.75
C LEU A 23 -18.87 -3.24 -9.95
N ASN A 24 -18.02 -4.11 -10.55
CA ASN A 24 -16.89 -4.62 -9.78
C ASN A 24 -15.83 -5.04 -10.80
N LEU A 25 -14.78 -4.24 -10.92
CA LEU A 25 -13.75 -4.52 -11.91
C LEU A 25 -12.74 -5.51 -11.34
N ASP A 26 -12.49 -6.57 -12.13
CA ASP A 26 -11.50 -7.57 -11.79
C ASP A 26 -10.55 -7.71 -12.97
N ILE A 27 -9.35 -8.16 -12.67
CA ILE A 27 -8.36 -8.39 -13.70
C ILE A 27 -7.96 -9.86 -13.61
N ASN A 28 -8.26 -10.59 -14.69
N ASN A 28 -8.27 -10.59 -14.68
CA ASN A 28 -8.07 -12.03 -14.79
CA ASN A 28 -7.92 -12.00 -14.74
C ASN A 28 -7.50 -12.30 -16.18
C ASN A 28 -7.51 -12.32 -16.16
N ASN A 29 -6.48 -13.18 -16.27
CA ASN A 29 -5.89 -13.48 -17.57
C ASN A 29 -5.55 -12.20 -18.34
N ASP A 30 -5.09 -11.18 -17.60
CA ASP A 30 -4.59 -9.93 -18.18
C ASP A 30 -5.69 -9.16 -18.95
N ILE A 31 -6.95 -9.33 -18.55
CA ILE A 31 -8.08 -8.60 -19.12
C ILE A 31 -8.89 -8.02 -17.95
N ILE A 32 -9.27 -6.73 -18.10
CA ILE A 32 -10.10 -6.06 -17.09
C ILE A 32 -11.57 -6.30 -17.51
N SER A 33 -12.37 -6.74 -16.55
CA SER A 33 -13.81 -6.91 -16.84
C SER A 33 -14.64 -6.62 -15.60
N ASP A 34 -15.96 -6.51 -15.81
CA ASP A 34 -16.89 -6.33 -14.71
C ASP A 34 -17.38 -7.71 -14.31
N ILE A 35 -17.17 -8.05 -13.03
CA ILE A 35 -17.61 -9.34 -12.46
C ILE A 35 -18.85 -9.21 -11.58
N SER A 36 -19.51 -8.03 -11.55
CA SER A 36 -20.67 -7.85 -10.67
C SER A 36 -21.85 -8.77 -11.01
N GLY A 37 -21.94 -9.19 -12.28
CA GLY A 37 -23.11 -9.90 -12.77
C GLY A 37 -23.97 -9.02 -13.69
N PHE A 38 -23.68 -7.70 -13.71
CA PHE A 38 -24.44 -6.82 -14.58
C PHE A 38 -23.77 -6.64 -15.95
N ASN A 39 -22.54 -7.10 -16.12
CA ASN A 39 -21.89 -7.10 -17.42
C ASN A 39 -21.83 -5.72 -18.07
N SER A 40 -21.34 -4.73 -17.32
CA SER A 40 -20.96 -3.48 -17.95
C SER A 40 -19.74 -3.74 -18.84
N SER A 41 -19.64 -3.03 -19.97
CA SER A 41 -18.54 -3.19 -20.92
C SER A 41 -17.33 -2.42 -20.41
N VAL A 42 -16.13 -3.01 -20.50
CA VAL A 42 -14.92 -2.32 -20.09
C VAL A 42 -14.02 -2.23 -21.31
N ILE A 43 -13.64 -1.00 -21.68
CA ILE A 43 -12.80 -0.74 -22.83
C ILE A 43 -11.44 -0.28 -22.31
N THR A 44 -10.40 -1.06 -22.61
CA THR A 44 -9.05 -0.78 -22.15
C THR A 44 -8.27 -0.18 -23.32
N TYR A 45 -7.80 1.07 -23.15
CA TYR A 45 -7.05 1.72 -24.20
C TYR A 45 -5.58 1.31 -24.17
N PRO A 46 -4.81 1.56 -25.25
CA PRO A 46 -3.54 0.85 -25.43
C PRO A 46 -2.51 1.05 -24.32
N ASP A 47 -2.52 2.23 -23.67
CA ASP A 47 -1.47 2.52 -22.72
C ASP A 47 -1.99 2.53 -21.28
N ALA A 48 -3.16 1.92 -21.06
CA ALA A 48 -3.52 1.51 -19.70
C ALA A 48 -2.63 0.30 -19.35
N GLN A 49 -1.89 0.38 -18.27
CA GLN A 49 -0.90 -0.66 -17.96
C GLN A 49 -1.43 -1.51 -16.81
N LEU A 50 -0.91 -2.74 -16.69
CA LEU A 50 -1.19 -3.58 -15.52
C LEU A 50 0.08 -3.73 -14.70
N VAL A 51 -0.07 -3.57 -13.40
CA VAL A 51 1.02 -3.63 -12.44
C VAL A 51 0.59 -4.49 -11.27
N PRO A 52 1.51 -4.86 -10.36
CA PRO A 52 1.07 -5.63 -9.19
C PRO A 52 0.05 -4.85 -8.38
N GLY A 53 -0.94 -5.60 -7.85
CA GLY A 53 -1.97 -4.98 -7.04
C GLY A 53 -2.14 -5.63 -5.67
N ILE A 54 -3.26 -5.27 -4.99
CA ILE A 54 -3.47 -5.74 -3.63
C ILE A 54 -3.78 -7.26 -3.60
N ASN A 55 -4.30 -7.81 -4.72
CA ASN A 55 -4.66 -9.22 -4.79
C ASN A 55 -4.76 -9.62 -6.25
N GLY A 56 -3.60 -9.70 -6.91
CA GLY A 56 -3.54 -9.90 -8.35
C GLY A 56 -2.83 -8.71 -9.01
N LYS A 57 -3.41 -8.20 -10.11
CA LYS A 57 -2.88 -7.02 -10.80
C LYS A 57 -3.83 -5.84 -10.63
N ALA A 58 -3.30 -4.66 -10.90
CA ALA A 58 -4.06 -3.42 -10.78
C ALA A 58 -3.87 -2.60 -12.05
N ILE A 59 -4.74 -1.59 -12.22
CA ILE A 59 -4.64 -0.67 -13.35
C ILE A 59 -3.63 0.42 -13.02
N HIS A 60 -2.81 0.76 -14.02
CA HIS A 60 -1.80 1.81 -13.87
C HIS A 60 -1.98 2.82 -15.00
N LEU A 61 -2.20 4.08 -14.63
CA LEU A 61 -2.49 5.13 -15.60
C LEU A 61 -1.36 6.16 -15.61
N VAL A 62 -0.86 6.43 -16.82
CA VAL A 62 0.16 7.44 -17.00
C VAL A 62 -0.48 8.62 -17.70
N ASN A 63 0.29 9.72 -17.85
CA ASN A 63 -0.33 10.98 -18.25
C ASN A 63 -0.23 11.14 -19.78
N ASN A 64 -1.02 10.33 -20.50
CA ASN A 64 -1.25 10.58 -21.92
C ASN A 64 -2.64 10.07 -22.31
N GLU A 65 -3.12 10.53 -23.47
CA GLU A 65 -4.51 10.31 -23.88
C GLU A 65 -4.84 8.83 -24.11
N SER A 66 -3.80 8.00 -24.36
N SER A 66 -3.83 7.98 -24.34
CA SER A 66 -3.98 6.58 -24.63
CA SER A 66 -4.12 6.58 -24.61
C SER A 66 -4.11 5.75 -23.34
C SER A 66 -4.06 5.73 -23.33
N SER A 67 -3.85 6.36 -22.18
CA SER A 67 -3.77 5.62 -20.92
C SER A 67 -5.11 5.82 -20.22
N GLU A 68 -6.09 4.98 -20.54
N GLU A 68 -6.09 4.99 -20.56
N GLU A 68 -6.05 4.91 -20.49
CA GLU A 68 -7.41 5.14 -19.95
CA GLU A 68 -7.42 5.14 -19.98
CA GLU A 68 -7.44 5.11 -20.13
C GLU A 68 -8.16 3.81 -20.01
C GLU A 68 -8.17 3.82 -20.03
C GLU A 68 -8.13 3.75 -20.00
N VAL A 69 -9.09 3.67 -19.06
CA VAL A 69 -10.03 2.56 -19.02
C VAL A 69 -11.41 3.18 -18.93
N ILE A 70 -12.34 2.76 -19.81
CA ILE A 70 -13.68 3.34 -19.78
C ILE A 70 -14.67 2.21 -19.51
N VAL A 71 -15.55 2.43 -18.54
CA VAL A 71 -16.62 1.48 -18.25
C VAL A 71 -17.91 2.06 -18.84
N HIS A 72 -18.51 1.34 -19.80
CA HIS A 72 -19.80 1.74 -20.36
C HIS A 72 -20.87 0.97 -19.59
N LYS A 73 -21.66 1.69 -18.78
CA LYS A 73 -22.56 1.05 -17.83
C LYS A 73 -23.61 0.23 -18.58
N ALA A 74 -23.88 -0.95 -18.03
CA ALA A 74 -24.98 -1.77 -18.51
C ALA A 74 -26.29 -1.00 -18.37
N MET A 75 -27.25 -1.33 -19.25
CA MET A 75 -28.55 -0.67 -19.26
C MET A 75 -29.19 -0.69 -17.87
N ASP A 76 -29.12 -1.85 -17.19
CA ASP A 76 -29.91 -2.07 -16.00
C ASP A 76 -29.43 -1.31 -14.76
N ILE A 77 -28.22 -0.72 -14.80
CA ILE A 77 -27.70 -0.13 -13.58
C ILE A 77 -27.78 1.39 -13.63
N GLU A 78 -28.85 1.94 -13.05
CA GLU A 78 -28.90 3.35 -12.69
C GLU A 78 -28.90 3.44 -11.16
N TYR A 79 -27.70 3.56 -10.58
CA TYR A 79 -27.47 3.41 -9.16
C TYR A 79 -27.57 4.77 -8.47
N ASN A 80 -27.39 5.87 -9.21
CA ASN A 80 -27.18 7.15 -8.54
C ASN A 80 -28.05 8.29 -9.08
N ASP A 81 -29.06 7.97 -9.91
CA ASP A 81 -29.98 9.02 -10.33
C ASP A 81 -30.98 9.29 -9.21
N MET A 82 -31.74 10.39 -9.36
CA MET A 82 -32.96 10.62 -8.61
C MET A 82 -32.80 10.17 -7.17
N PHE A 83 -31.83 10.81 -6.50
CA PHE A 83 -31.62 10.72 -5.06
C PHE A 83 -31.36 9.28 -4.59
N ASN A 84 -30.90 8.35 -5.47
CA ASN A 84 -30.45 7.06 -4.92
C ASN A 84 -29.08 7.15 -4.25
N ASN A 85 -28.97 6.54 -3.07
CA ASN A 85 -27.70 6.43 -2.32
C ASN A 85 -26.72 5.47 -2.98
N PHE A 86 -25.41 5.76 -2.84
CA PHE A 86 -24.45 4.90 -3.52
C PHE A 86 -23.07 5.06 -2.86
N THR A 87 -22.22 4.05 -3.10
CA THR A 87 -20.86 4.05 -2.56
C THR A 87 -19.90 3.66 -3.66
N VAL A 88 -18.75 4.35 -3.72
N VAL A 88 -18.79 4.39 -3.76
CA VAL A 88 -17.69 3.99 -4.64
CA VAL A 88 -17.72 3.94 -4.63
C VAL A 88 -16.48 3.60 -3.80
C VAL A 88 -16.56 3.51 -3.73
N SER A 89 -15.83 2.48 -4.15
CA SER A 89 -14.65 2.04 -3.44
C SER A 89 -13.57 1.60 -4.42
N PHE A 90 -12.32 1.72 -4.00
CA PHE A 90 -11.22 1.27 -4.84
C PHE A 90 -9.94 1.40 -4.00
N TRP A 91 -8.95 0.56 -4.31
CA TRP A 91 -7.59 0.76 -3.84
C TRP A 91 -6.94 1.81 -4.73
N LEU A 92 -6.10 2.64 -4.11
CA LEU A 92 -5.42 3.73 -4.77
C LEU A 92 -3.97 3.71 -4.35
N ARG A 93 -3.08 4.01 -5.33
CA ARG A 93 -1.67 4.21 -5.00
C ARG A 93 -1.19 5.42 -5.79
N VAL A 94 -0.83 6.50 -5.10
N VAL A 94 -0.75 6.47 -5.07
CA VAL A 94 -0.28 7.63 -5.82
CA VAL A 94 -0.32 7.72 -5.68
C VAL A 94 1.12 7.87 -5.28
C VAL A 94 1.12 7.93 -5.25
N PRO A 95 2.07 8.22 -6.16
CA PRO A 95 3.47 8.43 -5.73
C PRO A 95 3.58 9.63 -4.78
N LYS A 96 4.61 9.58 -3.94
CA LYS A 96 4.88 10.73 -3.08
C LYS A 96 5.26 11.92 -3.98
N VAL A 97 4.54 13.03 -3.82
CA VAL A 97 4.79 14.22 -4.62
C VAL A 97 6.08 14.86 -4.12
N SER A 98 7.03 15.12 -5.05
CA SER A 98 8.28 15.79 -4.67
C SER A 98 8.01 17.22 -4.19
N ALA A 99 8.92 17.76 -3.37
CA ALA A 99 8.79 19.17 -2.99
C ALA A 99 8.69 20.06 -4.25
N SER A 100 9.57 19.79 -5.23
N SER A 100 9.56 19.79 -5.23
CA SER A 100 9.57 20.58 -6.45
CA SER A 100 9.56 20.60 -6.44
C SER A 100 8.22 20.53 -7.15
C SER A 100 8.22 20.53 -7.16
N HIS A 101 7.62 19.33 -7.21
CA HIS A 101 6.33 19.19 -7.87
C HIS A 101 5.19 19.78 -7.05
N LEU A 102 5.30 19.82 -5.70
CA LEU A 102 4.29 20.55 -4.94
C LEU A 102 4.36 22.04 -5.26
N GLU A 103 5.57 22.59 -5.36
CA GLU A 103 5.71 24.00 -5.72
C GLU A 103 5.17 24.27 -7.13
N GLN A 104 5.46 23.37 -8.07
CA GLN A 104 5.16 23.62 -9.47
C GLN A 104 3.70 23.33 -9.82
N TYR A 105 3.16 22.22 -9.28
CA TYR A 105 1.88 21.67 -9.73
C TYR A 105 0.85 21.61 -8.61
N GLY A 106 1.15 22.17 -7.41
CA GLY A 106 0.31 21.91 -6.26
C GLY A 106 -1.08 22.56 -6.32
N THR A 107 -1.30 23.48 -7.29
CA THR A 107 -2.62 24.08 -7.44
C THR A 107 -3.39 23.46 -8.62
N ASN A 108 -2.78 22.48 -9.29
CA ASN A 108 -3.40 21.86 -10.45
C ASN A 108 -4.27 20.68 -9.99
N GLU A 109 -5.57 20.83 -10.03
CA GLU A 109 -6.50 19.76 -9.72
C GLU A 109 -6.78 18.94 -10.97
N TYR A 110 -6.57 17.62 -10.87
CA TYR A 110 -6.80 16.73 -11.99
C TYR A 110 -7.66 15.54 -11.57
N SER A 111 -8.64 15.20 -12.40
N SER A 111 -8.63 15.17 -12.40
CA SER A 111 -9.44 14.00 -12.12
CA SER A 111 -9.45 14.01 -12.05
C SER A 111 -8.62 12.75 -12.43
C SER A 111 -8.76 12.72 -12.51
N ILE A 112 -8.93 11.66 -11.71
CA ILE A 112 -8.44 10.34 -12.08
C ILE A 112 -9.59 9.36 -12.36
N ILE A 113 -10.77 9.54 -11.73
CA ILE A 113 -11.93 8.70 -12.05
C ILE A 113 -13.14 9.63 -12.11
N SER A 114 -13.98 9.48 -13.14
CA SER A 114 -15.09 10.43 -13.26
C SER A 114 -16.25 9.81 -14.05
N SER A 115 -17.47 10.19 -13.65
CA SER A 115 -18.65 9.92 -14.47
C SER A 115 -19.22 11.17 -15.12
N MET A 116 -18.47 12.27 -15.08
N MET A 116 -18.47 12.27 -15.04
CA MET A 116 -18.90 13.54 -15.68
CA MET A 116 -18.90 13.50 -15.69
C MET A 116 -18.41 13.66 -17.11
C MET A 116 -18.46 13.46 -17.15
N LYS A 117 -19.31 13.97 -18.05
CA LYS A 117 -18.92 14.23 -19.42
C LYS A 117 -18.68 15.74 -19.57
N LYS A 118 -17.47 16.15 -19.96
CA LYS A 118 -17.17 17.57 -20.08
C LYS A 118 -17.00 17.94 -21.55
N HIS A 119 -17.13 19.26 -21.86
CA HIS A 119 -16.91 19.81 -23.20
C HIS A 119 -17.92 19.28 -24.21
N SER A 120 -19.11 18.91 -23.75
CA SER A 120 -20.13 18.38 -24.64
C SER A 120 -21.48 19.00 -24.27
N LEU A 121 -22.56 18.38 -24.77
CA LEU A 121 -23.92 18.85 -24.53
C LEU A 121 -24.22 18.81 -23.04
N SER A 122 -23.78 17.75 -22.34
CA SER A 122 -24.19 17.53 -20.96
C SER A 122 -23.74 18.72 -20.12
N ILE A 123 -24.51 19.03 -19.05
CA ILE A 123 -24.09 20.04 -18.07
C ILE A 123 -22.90 19.53 -17.25
N GLY A 124 -22.52 18.25 -17.40
CA GLY A 124 -21.37 17.74 -16.67
C GLY A 124 -21.70 17.08 -15.34
N SER A 125 -22.97 16.73 -15.11
CA SER A 125 -23.37 16.10 -13.85
C SER A 125 -22.70 14.74 -13.70
N GLY A 126 -22.50 14.35 -12.44
CA GLY A 126 -21.90 13.07 -12.09
C GLY A 126 -21.01 13.24 -10.88
N TRP A 127 -20.03 12.34 -10.73
CA TRP A 127 -19.09 12.44 -9.63
C TRP A 127 -17.67 12.36 -10.18
N SER A 128 -16.72 12.76 -9.35
CA SER A 128 -15.32 12.57 -9.72
C SER A 128 -14.45 12.37 -8.48
N VAL A 129 -13.37 11.63 -8.67
CA VAL A 129 -12.24 11.57 -7.74
C VAL A 129 -11.12 12.37 -8.39
N SER A 130 -10.56 13.35 -7.66
CA SER A 130 -9.49 14.16 -8.20
C SER A 130 -8.39 14.34 -7.16
N LEU A 131 -7.22 14.75 -7.65
CA LEU A 131 -6.08 15.04 -6.79
C LEU A 131 -5.66 16.47 -7.06
N LYS A 132 -5.12 17.13 -6.02
N LYS A 132 -5.14 17.15 -6.01
CA LYS A 132 -4.58 18.48 -6.16
CA LYS A 132 -4.57 18.47 -6.17
C LYS A 132 -3.45 18.59 -5.14
C LYS A 132 -3.46 18.60 -5.15
N GLY A 133 -2.20 18.56 -5.59
CA GLY A 133 -1.11 18.45 -4.62
C GLY A 133 -1.31 17.20 -3.76
N ASN A 134 -1.27 17.39 -2.43
CA ASN A 134 -1.50 16.32 -1.47
C ASN A 134 -2.93 16.32 -0.93
N ASN A 135 -3.88 16.72 -1.77
CA ASN A 135 -5.29 16.69 -1.41
C ASN A 135 -5.99 15.64 -2.29
N LEU A 136 -6.92 14.88 -1.68
CA LEU A 136 -7.80 13.97 -2.41
C LEU A 136 -9.19 14.56 -2.33
N ILE A 137 -9.86 14.67 -3.49
CA ILE A 137 -11.11 15.42 -3.57
C ILE A 137 -12.22 14.56 -4.19
N TRP A 138 -13.39 14.56 -3.54
CA TRP A 138 -14.59 13.92 -4.08
C TRP A 138 -15.55 15.03 -4.48
N THR A 139 -16.09 14.98 -5.70
CA THR A 139 -16.99 16.01 -6.14
C THR A 139 -18.26 15.34 -6.66
N LEU A 140 -19.42 15.89 -6.27
N LEU A 140 -19.41 15.89 -6.25
CA LEU A 140 -20.69 15.57 -6.90
CA LEU A 140 -20.70 15.45 -6.72
C LEU A 140 -21.20 16.81 -7.64
C LEU A 140 -21.43 16.64 -7.33
N LYS A 141 -21.87 16.60 -8.79
N LYS A 141 -21.93 16.49 -8.56
CA LYS A 141 -22.51 17.69 -9.49
CA LYS A 141 -22.54 17.59 -9.28
C LYS A 141 -23.87 17.22 -10.01
C LYS A 141 -23.89 17.12 -9.83
N ASP A 142 -24.94 17.93 -9.61
CA ASP A 142 -26.27 17.53 -10.00
C ASP A 142 -26.61 18.02 -11.41
N SER A 143 -27.82 17.65 -11.86
CA SER A 143 -28.22 17.92 -13.24
C SER A 143 -28.46 19.41 -13.51
N ALA A 144 -28.55 20.22 -12.43
CA ALA A 144 -28.63 21.67 -12.59
C ALA A 144 -27.27 22.33 -12.53
N GLY A 145 -26.22 21.53 -12.28
CA GLY A 145 -24.86 22.05 -12.17
C GLY A 145 -24.41 22.46 -10.76
N GLU A 146 -25.21 22.14 -9.73
N GLU A 146 -25.22 22.17 -9.73
CA GLU A 146 -24.87 22.45 -8.35
CA GLU A 146 -24.82 22.50 -8.38
C GLU A 146 -23.83 21.42 -7.88
C GLU A 146 -23.83 21.45 -7.89
N VAL A 147 -22.87 21.88 -7.07
CA VAL A 147 -21.75 21.01 -6.68
C VAL A 147 -21.69 20.88 -5.15
N ARG A 148 -21.22 19.71 -4.71
CA ARG A 148 -20.76 19.49 -3.35
C ARG A 148 -19.41 18.80 -3.39
N GLN A 149 -18.53 19.08 -2.43
N GLN A 149 -18.58 19.00 -2.36
CA GLN A 149 -17.22 18.46 -2.43
CA GLN A 149 -17.21 18.52 -2.44
C GLN A 149 -16.76 18.08 -1.05
C GLN A 149 -16.65 18.16 -1.07
N ILE A 150 -15.91 17.03 -1.01
CA ILE A 150 -15.06 16.73 0.13
C ILE A 150 -13.61 16.96 -0.30
N THR A 151 -12.85 17.69 0.53
CA THR A 151 -11.44 17.85 0.28
C THR A 151 -10.69 17.28 1.49
N PHE A 152 -9.93 16.19 1.25
CA PHE A 152 -9.12 15.57 2.28
C PHE A 152 -7.67 16.02 2.10
N ARG A 153 -7.11 16.65 3.15
N ARG A 153 -7.12 16.63 3.17
CA ARG A 153 -5.72 17.07 3.16
CA ARG A 153 -5.73 17.06 3.20
C ARG A 153 -4.90 15.95 3.83
C ARG A 153 -4.89 15.94 3.83
N ASP A 154 -3.91 15.42 3.09
CA ASP A 154 -3.15 14.29 3.58
C ASP A 154 -2.27 14.69 4.76
N LEU A 155 -1.82 13.68 5.52
CA LEU A 155 -0.97 13.88 6.68
C LEU A 155 0.39 14.43 6.23
N PRO A 156 1.01 15.30 7.03
CA PRO A 156 2.31 15.87 6.68
C PRO A 156 3.49 14.90 6.74
N ASP A 157 3.42 13.91 7.65
CA ASP A 157 4.49 12.91 7.77
C ASP A 157 4.31 11.85 6.68
N LYS A 158 5.14 11.92 5.62
CA LYS A 158 4.87 11.10 4.44
C LYS A 158 5.17 9.63 4.68
N PHE A 159 5.90 9.30 5.75
CA PHE A 159 6.08 7.90 6.09
C PHE A 159 4.75 7.22 6.43
N ASN A 160 3.81 8.01 6.99
CA ASN A 160 2.54 7.50 7.48
C ASN A 160 1.35 8.03 6.67
N ALA A 161 1.61 8.72 5.55
CA ALA A 161 0.55 9.41 4.83
C ALA A 161 -0.13 8.47 3.84
N TYR A 162 -1.31 8.88 3.33
CA TYR A 162 -2.11 7.99 2.49
C TYR A 162 -1.82 8.22 0.99
N LEU A 163 -1.31 9.41 0.61
CA LEU A 163 -1.00 9.73 -0.78
C LEU A 163 0.52 9.80 -0.91
N ALA A 164 1.18 8.75 -0.42
CA ALA A 164 2.64 8.75 -0.37
C ALA A 164 3.21 7.37 -0.73
N ASN A 165 2.69 6.83 -1.83
CA ASN A 165 3.22 5.63 -2.54
C ASN A 165 2.80 4.28 -1.98
N LYS A 166 1.90 4.24 -1.01
CA LYS A 166 1.44 2.91 -0.56
C LYS A 166 0.03 2.67 -1.09
N TRP A 167 -0.29 1.41 -1.31
CA TRP A 167 -1.67 1.08 -1.59
C TRP A 167 -2.54 1.39 -0.36
N VAL A 168 -3.62 2.16 -0.59
CA VAL A 168 -4.58 2.47 0.47
C VAL A 168 -5.96 2.25 -0.10
N PHE A 169 -6.94 2.05 0.80
CA PHE A 169 -8.28 1.64 0.36
C PHE A 169 -9.24 2.82 0.56
N ILE A 170 -9.81 3.31 -0.55
CA ILE A 170 -10.72 4.45 -0.52
C ILE A 170 -12.15 3.95 -0.54
N THR A 171 -13.02 4.59 0.25
CA THR A 171 -14.46 4.35 0.16
C THR A 171 -15.18 5.68 0.31
N ILE A 172 -16.08 6.00 -0.63
N ILE A 172 -16.11 5.98 -0.60
CA ILE A 172 -16.88 7.22 -0.54
CA ILE A 172 -16.86 7.23 -0.49
C ILE A 172 -18.34 6.80 -0.53
C ILE A 172 -18.36 6.91 -0.57
N THR A 173 -19.06 7.11 0.55
CA THR A 173 -20.49 6.83 0.66
C THR A 173 -21.27 8.12 0.45
N ASN A 174 -22.46 7.99 -0.13
CA ASN A 174 -23.26 9.15 -0.46
C ASN A 174 -24.68 8.86 -0.04
N ASP A 175 -25.10 9.57 1.01
CA ASP A 175 -26.47 9.49 1.52
C ASP A 175 -27.15 10.79 1.12
N ARG A 176 -28.09 10.71 0.17
CA ARG A 176 -28.72 11.93 -0.39
C ARG A 176 -29.52 12.73 0.66
N LEU A 177 -29.85 12.13 1.80
CA LEU A 177 -30.54 12.88 2.85
C LEU A 177 -29.60 13.39 3.93
N SER A 178 -28.28 13.21 3.77
CA SER A 178 -27.36 13.70 4.78
C SER A 178 -26.03 14.11 4.12
N SER A 179 -25.04 13.22 4.15
N SER A 179 -25.03 13.23 4.18
CA SER A 179 -23.69 13.60 3.76
CA SER A 179 -23.67 13.58 3.81
C SER A 179 -23.07 12.57 2.83
C SER A 179 -23.06 12.56 2.86
N ALA A 180 -22.04 13.04 2.13
CA ALA A 180 -21.04 12.17 1.53
C ALA A 180 -19.92 12.02 2.58
N ASN A 181 -19.38 10.80 2.68
N ASN A 181 -19.40 10.79 2.70
CA ASN A 181 -18.35 10.50 3.67
CA ASN A 181 -18.33 10.50 3.64
C ASN A 181 -17.19 9.76 3.01
C ASN A 181 -17.17 9.84 2.90
N LEU A 182 -15.98 10.30 3.20
N LEU A 182 -15.94 10.27 3.20
CA LEU A 182 -14.75 9.70 2.66
CA LEU A 182 -14.74 9.69 2.60
C LEU A 182 -14.09 8.88 3.77
C LEU A 182 -13.95 8.93 3.66
N TYR A 183 -13.76 7.63 3.43
CA TYR A 183 -13.01 6.75 4.33
C TYR A 183 -11.71 6.35 3.64
N ILE A 184 -10.65 6.19 4.43
CA ILE A 184 -9.42 5.59 3.95
C ILE A 184 -9.05 4.48 4.93
N ASN A 185 -8.81 3.28 4.37
CA ASN A 185 -8.50 2.11 5.20
C ASN A 185 -9.53 1.95 6.33
N GLY A 186 -10.81 2.14 5.97
CA GLY A 186 -11.94 1.88 6.85
C GLY A 186 -12.23 3.02 7.84
N VAL A 187 -11.46 4.11 7.79
CA VAL A 187 -11.57 5.14 8.82
C VAL A 187 -12.08 6.43 8.20
N LEU A 188 -13.06 7.07 8.86
CA LEU A 188 -13.65 8.28 8.31
C LEU A 188 -12.64 9.43 8.31
N MET A 189 -12.40 10.02 7.12
N MET A 189 -12.40 10.02 7.12
CA MET A 189 -11.39 11.06 6.98
CA MET A 189 -11.37 11.04 6.93
C MET A 189 -11.98 12.40 6.56
C MET A 189 -11.93 12.37 6.44
N GLY A 190 -13.19 12.41 5.98
CA GLY A 190 -13.75 13.68 5.53
C GLY A 190 -15.23 13.50 5.27
N SER A 191 -15.96 14.63 5.22
N SER A 191 -15.97 14.61 5.32
CA SER A 191 -17.40 14.57 5.06
CA SER A 191 -17.40 14.58 5.05
C SER A 191 -17.89 15.92 4.54
C SER A 191 -17.81 15.88 4.39
N ALA A 192 -19.00 15.87 3.79
CA ALA A 192 -19.68 17.10 3.37
C ALA A 192 -21.17 16.82 3.32
N GLU A 193 -21.97 17.79 3.79
N GLU A 193 -21.98 17.77 3.80
CA GLU A 193 -23.41 17.71 3.59
CA GLU A 193 -23.42 17.67 3.61
C GLU A 193 -23.75 17.79 2.11
C GLU A 193 -23.74 17.78 2.11
N ILE A 194 -24.68 16.94 1.65
CA ILE A 194 -25.06 16.94 0.25
C ILE A 194 -26.58 17.18 0.08
N THR A 195 -27.30 17.42 1.20
CA THR A 195 -28.71 17.76 1.10
C THR A 195 -28.91 19.00 0.24
N GLY A 196 -30.02 19.04 -0.51
CA GLY A 196 -30.25 20.16 -1.40
C GLY A 196 -29.80 19.90 -2.83
N LEU A 197 -28.86 18.96 -3.05
CA LEU A 197 -28.53 18.60 -4.42
C LEU A 197 -29.73 17.91 -5.04
N GLY A 198 -29.92 18.15 -6.34
CA GLY A 198 -31.01 17.50 -7.05
C GLY A 198 -30.57 16.18 -7.68
N ALA A 199 -31.25 15.80 -8.77
CA ALA A 199 -30.96 14.55 -9.45
C ALA A 199 -29.57 14.60 -10.08
N ILE A 200 -28.88 13.45 -10.02
CA ILE A 200 -27.60 13.29 -10.70
C ILE A 200 -27.86 12.59 -12.03
N ARG A 201 -27.43 13.25 -13.10
CA ARG A 201 -27.67 12.74 -14.45
C ARG A 201 -26.30 12.53 -15.08
N GLU A 202 -25.66 11.42 -14.72
CA GLU A 202 -24.26 11.33 -15.12
C GLU A 202 -24.12 10.68 -16.49
N ASP A 203 -22.88 10.66 -16.97
CA ASP A 203 -22.62 10.05 -18.26
C ASP A 203 -22.80 8.52 -18.20
N ASN A 204 -23.06 7.91 -19.37
CA ASN A 204 -23.17 6.46 -19.43
C ASN A 204 -21.80 5.80 -19.23
N ASN A 205 -20.71 6.58 -19.30
CA ASN A 205 -19.37 6.06 -19.14
C ASN A 205 -18.77 6.55 -17.81
N ILE A 206 -17.99 5.65 -17.19
CA ILE A 206 -17.11 6.00 -16.09
C ILE A 206 -15.69 5.89 -16.63
N THR A 207 -14.93 6.99 -16.51
CA THR A 207 -13.63 7.07 -17.16
C THR A 207 -12.53 7.09 -16.10
N LEU A 208 -11.60 6.14 -16.22
CA LEU A 208 -10.41 6.10 -15.40
C LEU A 208 -9.28 6.64 -16.29
N LYS A 209 -8.82 7.84 -15.97
N LYS A 209 -8.85 7.86 -16.00
CA LYS A 209 -7.88 8.56 -16.81
CA LYS A 209 -7.79 8.49 -16.76
C LYS A 209 -7.41 9.80 -16.06
C LYS A 209 -7.38 9.75 -16.02
N LEU A 210 -6.12 10.16 -16.21
CA LEU A 210 -5.68 11.48 -15.71
C LEU A 210 -6.24 12.58 -16.61
N ASP A 211 -7.09 13.46 -16.07
CA ASP A 211 -7.72 14.51 -16.87
C ASP A 211 -7.20 15.86 -16.39
N ARG A 212 -6.57 16.60 -17.31
CA ARG A 212 -6.12 17.97 -17.06
C ARG A 212 -5.00 17.99 -16.00
N CYS A 213 -4.13 16.98 -16.01
CA CYS A 213 -2.94 16.95 -15.18
C CYS A 213 -1.77 17.59 -15.95
N ASN A 214 -1.19 18.66 -15.38
CA ASN A 214 -0.14 19.41 -16.05
C ASN A 214 1.26 18.78 -15.88
N ASN A 215 1.39 17.79 -15.01
CA ASN A 215 2.70 17.15 -14.77
C ASN A 215 2.82 15.91 -15.68
N ASN A 216 3.65 16.02 -16.72
N ASN A 216 3.66 15.99 -16.72
CA ASN A 216 3.78 14.93 -17.69
CA ASN A 216 3.72 14.90 -17.69
C ASN A 216 4.18 13.61 -17.02
C ASN A 216 4.31 13.62 -17.10
N ASN A 217 4.86 13.68 -15.88
CA ASN A 217 5.44 12.47 -15.30
C ASN A 217 4.50 11.84 -14.27
N GLN A 218 3.34 12.45 -14.06
CA GLN A 218 2.40 11.92 -13.06
C GLN A 218 1.83 10.57 -13.49
N TYR A 219 1.62 9.68 -12.50
CA TYR A 219 0.88 8.44 -12.72
C TYR A 219 0.12 8.09 -11.44
N VAL A 220 -0.86 7.18 -11.58
CA VAL A 220 -1.56 6.64 -10.42
C VAL A 220 -1.83 5.16 -10.69
N SER A 221 -2.18 4.43 -9.63
CA SER A 221 -2.62 3.05 -9.80
C SER A 221 -3.94 2.88 -9.07
N ILE A 222 -4.85 2.09 -9.63
CA ILE A 222 -6.22 1.93 -9.13
C ILE A 222 -6.54 0.44 -9.18
N ASP A 223 -7.11 -0.11 -8.11
CA ASP A 223 -7.44 -1.53 -8.10
C ASP A 223 -8.83 -1.72 -7.49
N LYS A 224 -9.52 -2.79 -7.91
CA LYS A 224 -10.76 -3.25 -7.30
C LYS A 224 -11.85 -2.17 -7.36
N PHE A 225 -11.94 -1.43 -8.46
CA PHE A 225 -12.93 -0.36 -8.56
C PHE A 225 -14.33 -0.97 -8.48
N ARG A 226 -15.19 -0.42 -7.62
CA ARG A 226 -16.45 -1.05 -7.28
C ARG A 226 -17.48 0.00 -6.90
N ILE A 227 -18.74 -0.26 -7.29
CA ILE A 227 -19.82 0.63 -6.91
C ILE A 227 -20.94 -0.19 -6.29
N PHE A 228 -21.54 0.38 -5.24
CA PHE A 228 -22.67 -0.23 -4.51
C PHE A 228 -23.87 0.69 -4.61
N CSO A 229 -25.08 0.10 -4.62
CA CSO A 229 -26.31 0.88 -4.69
CB CSO A 229 -27.33 0.12 -5.57
SG CSO A 229 -27.67 -1.58 -4.98
C CSO A 229 -26.88 1.21 -3.31
O CSO A 229 -28.10 1.39 -3.17
OD CSO A 229 -28.21 -1.60 -3.42
N LYS A 230 -26.02 1.35 -2.30
CA LYS A 230 -26.40 1.89 -0.99
C LYS A 230 -25.23 2.69 -0.44
N ALA A 231 -25.51 3.51 0.57
CA ALA A 231 -24.46 4.16 1.36
C ALA A 231 -24.00 3.16 2.43
N LEU A 232 -22.82 2.58 2.26
CA LEU A 232 -22.34 1.60 3.24
C LEU A 232 -22.15 2.24 4.60
N ASN A 233 -22.40 1.46 5.65
CA ASN A 233 -22.14 1.94 7.00
C ASN A 233 -20.74 1.56 7.45
N PRO A 234 -20.23 2.13 8.57
CA PRO A 234 -18.87 1.85 9.01
C PRO A 234 -18.51 0.39 9.19
N LYS A 235 -19.43 -0.43 9.73
CA LYS A 235 -19.15 -1.87 9.92
C LYS A 235 -19.02 -2.56 8.55
N GLU A 236 -19.86 -2.16 7.59
CA GLU A 236 -19.78 -2.74 6.26
C GLU A 236 -18.44 -2.37 5.62
N ILE A 237 -18.02 -1.10 5.77
CA ILE A 237 -16.79 -0.63 5.11
C ILE A 237 -15.60 -1.35 5.73
N GLU A 238 -15.62 -1.55 7.07
CA GLU A 238 -14.51 -2.25 7.71
C GLU A 238 -14.37 -3.68 7.17
N LYS A 239 -15.51 -4.37 7.00
CA LYS A 239 -15.47 -5.75 6.49
C LYS A 239 -14.97 -5.74 5.04
N LEU A 240 -15.47 -4.81 4.24
CA LEU A 240 -15.05 -4.70 2.84
C LEU A 240 -13.55 -4.48 2.73
N TYR A 241 -13.02 -3.52 3.48
CA TYR A 241 -11.60 -3.23 3.50
C TYR A 241 -10.78 -4.50 3.83
N THR A 242 -11.10 -5.15 4.95
CA THR A 242 -10.30 -6.31 5.36
C THR A 242 -10.50 -7.53 4.44
N SER A 243 -11.59 -7.56 3.67
CA SER A 243 -11.84 -8.69 2.75
C SER A 243 -10.74 -8.81 1.69
N TYR A 244 -10.07 -7.71 1.37
CA TYR A 244 -9.08 -7.72 0.30
C TYR A 244 -7.69 -8.13 0.78
N LEU A 245 -7.50 -8.17 2.10
CA LEU A 245 -6.16 -8.38 2.62
C LEU A 245 -5.85 -9.87 2.65
N SER A 246 -5.63 -10.48 1.45
CA SER A 246 -5.43 -11.92 1.29
C SER A 246 -4.07 -12.29 1.87
N ILE A 247 -3.99 -13.48 2.45
CA ILE A 247 -2.81 -13.83 3.25
C ILE A 247 -1.86 -14.70 2.43
N THR A 248 -2.27 -15.08 1.21
CA THR A 248 -1.46 -15.97 0.37
C THR A 248 -0.02 -15.45 0.26
N PHE A 249 0.16 -14.23 -0.26
CA PHE A 249 1.48 -13.66 -0.43
C PHE A 249 1.73 -12.60 0.64
N LEU A 250 3.00 -12.49 1.03
CA LEU A 250 3.42 -11.38 1.89
C LEU A 250 3.53 -10.10 1.08
N ARG A 251 3.62 -8.94 1.77
CA ARG A 251 3.65 -7.66 1.08
C ARG A 251 4.87 -6.86 1.52
N ASP A 252 5.37 -6.05 0.59
CA ASP A 252 6.41 -5.08 0.87
C ASP A 252 5.79 -3.80 1.46
N PHE A 253 6.66 -2.83 1.78
CA PHE A 253 6.27 -1.59 2.45
C PHE A 253 5.18 -0.84 1.69
N TRP A 254 5.20 -0.92 0.37
CA TRP A 254 4.25 -0.19 -0.47
C TRP A 254 2.94 -0.94 -0.60
N GLY A 255 2.86 -2.19 -0.13
CA GLY A 255 1.63 -2.98 -0.28
C GLY A 255 1.66 -3.93 -1.48
N ASN A 256 2.77 -3.96 -2.24
CA ASN A 256 2.88 -4.87 -3.36
C ASN A 256 3.37 -6.23 -2.88
N PRO A 257 3.14 -7.31 -3.66
CA PRO A 257 3.64 -8.61 -3.26
C PRO A 257 5.16 -8.60 -3.05
N LEU A 258 5.57 -9.21 -1.93
CA LEU A 258 6.98 -9.42 -1.63
C LEU A 258 7.57 -10.41 -2.63
N ARG A 259 8.82 -10.17 -3.05
CA ARG A 259 9.43 -10.93 -4.13
C ARG A 259 10.78 -11.52 -3.69
N TYR A 260 11.09 -12.70 -4.26
CA TYR A 260 12.43 -13.27 -4.19
C TYR A 260 13.42 -12.45 -5.03
N ASP A 261 14.69 -12.55 -4.65
CA ASP A 261 15.78 -12.07 -5.51
C ASP A 261 15.65 -10.58 -5.78
N THR A 262 15.18 -9.84 -4.78
CA THR A 262 14.90 -8.41 -4.90
C THR A 262 15.46 -7.69 -3.67
N GLU A 263 16.16 -6.57 -3.88
CA GLU A 263 16.75 -5.84 -2.76
C GLU A 263 15.70 -5.08 -1.95
N TYR A 264 15.77 -5.25 -0.61
CA TYR A 264 14.89 -4.56 0.32
C TYR A 264 15.71 -3.95 1.46
N TYR A 265 15.35 -2.73 1.86
CA TYR A 265 15.83 -2.20 3.13
C TYR A 265 14.85 -2.60 4.24
N LEU A 266 15.40 -2.96 5.41
CA LEU A 266 14.52 -3.36 6.50
C LEU A 266 14.34 -2.21 7.50
N ILE A 267 13.09 -1.99 7.92
CA ILE A 267 12.81 -1.00 8.94
C ILE A 267 11.95 -1.69 9.99
N PRO A 268 12.30 -1.66 11.28
CA PRO A 268 11.41 -2.22 12.30
C PRO A 268 10.15 -1.38 12.47
N VAL A 269 8.99 -2.06 12.40
CA VAL A 269 7.72 -1.34 12.55
C VAL A 269 7.67 -0.57 13.86
N ALA A 270 8.19 -1.19 14.94
CA ALA A 270 8.09 -0.60 16.27
C ALA A 270 9.07 0.56 16.51
N SER A 271 10.06 0.74 15.64
N SER A 271 10.03 0.73 15.60
CA SER A 271 10.89 1.94 15.74
CA SER A 271 11.01 1.81 15.69
C SER A 271 11.23 2.42 14.34
C SER A 271 11.25 2.38 14.28
N SER A 272 10.23 3.03 13.70
CA SER A 272 10.25 3.24 12.26
C SER A 272 11.24 4.31 11.79
N SER A 273 11.85 5.01 12.74
N SER A 273 11.83 5.06 12.72
CA SER A 273 12.87 6.01 12.46
CA SER A 273 12.88 5.98 12.31
C SER A 273 14.26 5.38 12.32
C SER A 273 14.28 5.40 12.50
N LYS A 274 14.37 4.06 12.52
CA LYS A 274 15.67 3.38 12.56
C LYS A 274 15.93 2.60 11.28
N ASP A 275 17.22 2.61 10.90
CA ASP A 275 17.73 1.81 9.79
C ASP A 275 18.60 0.70 10.36
N VAL A 276 18.95 -0.29 9.51
CA VAL A 276 19.79 -1.40 9.90
C VAL A 276 21.20 -1.23 9.30
N GLN A 277 22.22 -1.47 10.13
N GLN A 277 22.22 -1.46 10.13
CA GLN A 277 23.62 -1.37 9.71
CA GLN A 277 23.60 -1.39 9.67
C GLN A 277 24.37 -2.63 10.12
C GLN A 277 24.31 -2.71 10.02
N LEU A 278 25.51 -2.88 9.44
CA LEU A 278 26.36 -4.05 9.70
C LEU A 278 27.65 -3.58 10.36
N LYS A 279 28.02 -4.25 11.46
CA LYS A 279 29.27 -3.93 12.12
C LYS A 279 30.46 -4.22 11.20
N ASN A 280 30.51 -5.45 10.69
CA ASN A 280 31.58 -5.93 9.80
C ASN A 280 31.12 -7.26 9.23
N ILE A 281 31.69 -7.66 8.10
N ILE A 281 31.72 -7.69 8.12
CA ILE A 281 31.42 -9.01 7.61
CA ILE A 281 31.45 -9.02 7.62
C ILE A 281 31.82 -10.01 8.70
C ILE A 281 31.84 -10.03 8.70
N THR A 282 31.01 -11.08 8.82
CA THR A 282 31.02 -12.13 9.85
C THR A 282 30.39 -11.71 11.19
N ASP A 283 30.04 -10.43 11.33
CA ASP A 283 29.63 -9.90 12.60
C ASP A 283 28.16 -9.49 12.61
N TYR A 284 27.77 -8.64 13.57
CA TYR A 284 26.37 -8.45 13.91
C TYR A 284 25.81 -7.19 13.25
N MET A 285 24.47 -7.07 13.29
CA MET A 285 23.76 -5.94 12.73
C MET A 285 23.12 -5.15 13.86
N TYR A 286 22.92 -3.85 13.63
CA TYR A 286 22.34 -3.01 14.68
C TYR A 286 21.61 -1.82 14.07
N LEU A 287 20.79 -1.15 14.87
CA LEU A 287 20.00 -0.05 14.36
C LEU A 287 20.75 1.27 14.46
N THR A 288 20.46 2.14 13.49
CA THR A 288 20.91 3.53 13.55
C THR A 288 19.74 4.48 13.27
N ASN A 289 19.90 5.75 13.63
CA ASN A 289 18.83 6.72 13.37
C ASN A 289 18.83 7.18 11.92
N ALA A 290 17.66 7.12 11.29
CA ALA A 290 17.53 7.60 9.94
C ALA A 290 17.48 9.13 9.98
N PRO A 291 18.13 9.80 9.01
CA PRO A 291 18.00 11.25 8.83
C PRO A 291 16.61 11.56 8.27
N SER A 292 16.11 12.80 8.47
CA SER A 292 14.80 13.21 8.01
C SER A 292 14.94 14.34 7.00
N TYR A 293 13.95 14.45 6.12
CA TYR A 293 13.75 15.65 5.32
C TYR A 293 12.60 16.45 5.93
N THR A 294 12.77 17.77 6.05
CA THR A 294 11.68 18.62 6.53
C THR A 294 11.52 19.81 5.60
N ASN A 295 10.25 20.24 5.43
CA ASN A 295 9.97 21.43 4.65
C ASN A 295 8.73 22.08 5.24
N GLY A 296 8.95 23.08 6.11
CA GLY A 296 7.89 23.72 6.86
C GLY A 296 6.92 24.49 5.96
N LYS A 297 7.49 25.19 4.97
CA LYS A 297 6.72 25.98 4.01
C LYS A 297 5.66 25.10 3.36
N LEU A 298 6.06 23.86 3.03
CA LEU A 298 5.16 22.95 2.33
C LEU A 298 4.42 22.07 3.32
N ASN A 299 4.80 22.11 4.61
CA ASN A 299 4.28 21.25 5.67
C ASN A 299 4.36 19.78 5.25
N ILE A 300 5.58 19.40 4.86
CA ILE A 300 5.85 17.99 4.68
C ILE A 300 7.13 17.63 5.43
N TYR A 301 7.22 16.37 5.84
CA TYR A 301 8.49 15.86 6.37
C TYR A 301 8.40 14.35 6.33
N TYR A 302 9.56 13.70 6.48
CA TYR A 302 9.57 12.25 6.53
C TYR A 302 10.99 11.81 6.82
N ARG A 303 11.08 10.64 7.49
CA ARG A 303 12.37 9.97 7.57
C ARG A 303 12.77 9.59 6.15
N ARG A 304 14.04 9.79 5.82
N ARG A 304 14.04 9.80 5.83
CA ARG A 304 14.51 9.45 4.48
CA ARG A 304 14.55 9.42 4.51
C ARG A 304 14.65 7.94 4.33
C ARG A 304 14.52 7.91 4.37
N LEU A 305 14.35 7.51 3.22
CA LEU A 305 14.43 6.06 2.94
C LEU A 305 15.73 5.75 2.22
N TYR A 306 16.00 4.45 2.08
CA TYR A 306 17.08 3.84 1.27
C TYR A 306 18.48 3.94 1.88
N ASN A 307 18.59 4.17 3.19
CA ASN A 307 19.87 4.07 3.85
C ASN A 307 19.94 2.74 4.61
N GLY A 308 21.15 2.23 4.83
CA GLY A 308 21.25 0.99 5.57
C GLY A 308 21.41 -0.21 4.63
N LEU A 309 21.34 -1.40 5.21
CA LEU A 309 21.68 -2.61 4.48
C LEU A 309 20.60 -2.94 3.45
N LYS A 310 21.05 -3.57 2.37
CA LYS A 310 20.15 -4.16 1.38
C LYS A 310 20.06 -5.66 1.63
N PHE A 311 18.84 -6.15 1.85
CA PHE A 311 18.59 -7.56 2.06
C PHE A 311 17.98 -8.20 0.82
N ILE A 312 18.23 -9.50 0.65
CA ILE A 312 17.67 -10.25 -0.47
C ILE A 312 17.12 -11.54 0.09
N ILE A 313 15.91 -11.89 -0.33
CA ILE A 313 15.28 -13.14 0.07
C ILE A 313 15.50 -14.17 -1.02
N LYS A 314 16.07 -15.33 -0.68
CA LYS A 314 16.23 -16.40 -1.66
C LYS A 314 15.46 -17.61 -1.18
N ARG A 315 15.13 -18.53 -2.10
N ARG A 315 15.13 -18.50 -2.13
CA ARG A 315 14.30 -19.66 -1.72
CA ARG A 315 14.38 -19.70 -1.79
C ARG A 315 15.18 -20.77 -1.14
C ARG A 315 15.28 -20.66 -1.01
N TYR A 316 14.70 -21.39 -0.05
CA TYR A 316 15.50 -22.30 0.75
C TYR A 316 15.87 -23.57 -0.01
N THR A 317 14.88 -24.23 -0.58
CA THR A 317 15.33 -25.37 -1.40
C THR A 317 14.16 -25.84 -2.23
N PRO A 318 13.88 -25.11 -3.33
CA PRO A 318 12.63 -25.26 -4.07
C PRO A 318 12.51 -26.63 -4.68
N ASN A 319 11.35 -27.24 -4.51
CA ASN A 319 11.10 -28.59 -5.09
C ASN A 319 9.79 -28.56 -5.88
N ASN A 320 9.11 -27.42 -5.94
CA ASN A 320 7.84 -27.37 -6.69
C ASN A 320 7.92 -26.35 -7.82
N GLU A 321 6.97 -25.42 -7.90
CA GLU A 321 7.06 -24.45 -8.98
C GLU A 321 7.80 -23.23 -8.43
N ILE A 322 8.54 -22.57 -9.32
CA ILE A 322 9.17 -21.31 -9.00
C ILE A 322 8.12 -20.21 -9.12
N ASP A 323 7.85 -19.51 -8.01
CA ASP A 323 7.00 -18.32 -8.06
C ASP A 323 7.93 -17.15 -7.75
N SER A 324 7.72 -16.00 -8.39
CA SER A 324 8.52 -14.84 -8.02
C SER A 324 8.10 -14.25 -6.67
N PHE A 325 6.86 -14.52 -6.22
CA PHE A 325 6.36 -13.93 -4.99
C PHE A 325 6.57 -14.85 -3.80
N VAL A 326 6.84 -14.23 -2.65
CA VAL A 326 7.05 -14.93 -1.39
C VAL A 326 5.69 -15.17 -0.73
N LYS A 327 5.38 -16.44 -0.47
CA LYS A 327 4.16 -16.80 0.25
C LYS A 327 4.41 -16.88 1.75
N SER A 328 3.41 -16.51 2.54
CA SER A 328 3.49 -16.75 3.98
C SER A 328 3.72 -18.24 4.24
N GLY A 329 4.76 -18.57 5.02
CA GLY A 329 5.09 -19.95 5.31
C GLY A 329 6.22 -20.49 4.43
N ASP A 330 6.69 -19.71 3.44
CA ASP A 330 7.80 -20.14 2.61
C ASP A 330 9.06 -20.21 3.46
N PHE A 331 9.89 -21.23 3.20
CA PHE A 331 11.22 -21.27 3.78
C PHE A 331 12.20 -20.55 2.86
N ILE A 332 13.07 -19.75 3.47
CA ILE A 332 13.90 -18.80 2.76
C ILE A 332 15.30 -18.82 3.35
N LYS A 333 16.23 -18.24 2.57
CA LYS A 333 17.55 -17.86 3.04
C LYS A 333 17.62 -16.35 2.90
N LEU A 334 18.05 -15.67 3.96
CA LEU A 334 18.11 -14.21 3.94
C LEU A 334 19.57 -13.81 3.79
N TYR A 335 19.81 -12.90 2.83
CA TYR A 335 21.15 -12.43 2.52
C TYR A 335 21.23 -10.91 2.68
N VAL A 336 22.45 -10.45 2.97
CA VAL A 336 22.78 -9.02 2.89
C VAL A 336 23.66 -8.81 1.66
N SER A 337 23.31 -7.81 0.86
CA SER A 337 24.09 -7.51 -0.33
C SER A 337 25.04 -6.41 0.08
N TYR A 338 26.35 -6.71 0.06
CA TYR A 338 27.36 -5.84 0.65
C TYR A 338 28.68 -6.08 -0.08
N ASN A 339 29.25 -5.00 -0.64
CA ASN A 339 30.52 -5.05 -1.36
C ASN A 339 30.46 -6.09 -2.49
N ASN A 340 29.37 -6.05 -3.28
CA ASN A 340 29.20 -6.80 -4.52
C ASN A 340 29.07 -8.31 -4.30
N ASN A 341 28.76 -8.72 -3.07
CA ASN A 341 28.44 -10.12 -2.84
C ASN A 341 27.22 -10.18 -1.94
N GLU A 342 26.69 -11.41 -1.83
CA GLU A 342 25.56 -11.73 -0.99
C GLU A 342 26.06 -12.60 0.18
N HIS A 343 25.76 -12.16 1.40
CA HIS A 343 26.24 -12.79 2.62
C HIS A 343 25.05 -13.32 3.41
N ILE A 344 25.10 -14.60 3.75
N ILE A 344 25.07 -14.61 3.74
CA ILE A 344 24.01 -15.26 4.46
CA ILE A 344 23.90 -15.20 4.38
C ILE A 344 23.83 -14.65 5.85
C ILE A 344 23.81 -14.78 5.85
N VAL A 345 22.57 -14.55 6.28
CA VAL A 345 22.26 -14.19 7.67
C VAL A 345 21.89 -15.45 8.43
N GLY A 346 22.51 -15.65 9.60
CA GLY A 346 22.14 -16.76 10.43
C GLY A 346 22.75 -16.66 11.83
N TYR A 347 22.64 -17.76 12.57
CA TYR A 347 23.14 -17.81 13.93
C TYR A 347 24.07 -19.00 14.03
N PRO A 348 25.34 -18.81 14.45
CA PRO A 348 26.25 -19.96 14.53
C PRO A 348 25.93 -20.76 15.79
N LYS A 349 26.16 -22.08 15.72
CA LYS A 349 25.99 -22.91 16.90
C LYS A 349 26.87 -22.37 18.04
N ASP A 350 26.26 -22.21 19.22
CA ASP A 350 26.87 -21.68 20.43
C ASP A 350 27.36 -20.23 20.22
N GLY A 351 26.78 -19.54 19.23
CA GLY A 351 27.22 -18.17 18.98
C GLY A 351 26.83 -17.24 20.13
N ASN A 352 27.51 -16.09 20.19
CA ASN A 352 27.17 -15.09 21.19
C ASN A 352 25.65 -14.84 21.20
N ALA A 353 25.10 -14.71 22.41
CA ALA A 353 23.68 -14.48 22.62
C ALA A 353 23.56 -13.67 23.92
N PHE A 354 22.44 -12.98 24.07
CA PHE A 354 22.12 -12.29 25.32
C PHE A 354 21.40 -13.26 26.24
N ASN A 355 22.02 -13.52 27.39
CA ASN A 355 21.43 -14.37 28.41
C ASN A 355 20.93 -15.69 27.81
N ASN A 356 21.70 -16.25 26.85
CA ASN A 356 21.46 -17.58 26.30
C ASN A 356 20.16 -17.72 25.51
N LEU A 357 19.43 -16.63 25.27
CA LEU A 357 18.10 -16.76 24.70
C LEU A 357 17.90 -15.84 23.50
N ASP A 358 18.55 -14.69 23.48
CA ASP A 358 18.41 -13.74 22.38
C ASP A 358 19.66 -13.86 21.50
N ARG A 359 19.49 -14.63 20.42
CA ARG A 359 20.59 -15.17 19.66
C ARG A 359 21.04 -14.12 18.65
N ILE A 360 22.31 -13.71 18.72
CA ILE A 360 22.78 -12.57 17.92
C ILE A 360 23.03 -13.02 16.48
N LEU A 361 22.33 -12.39 15.55
CA LEU A 361 22.51 -12.74 14.14
C LEU A 361 23.87 -12.28 13.62
N ARG A 362 24.38 -13.04 12.64
CA ARG A 362 25.69 -12.81 12.04
C ARG A 362 25.52 -12.81 10.53
N VAL A 363 26.30 -11.98 9.85
CA VAL A 363 26.22 -11.82 8.41
C VAL A 363 27.49 -12.36 7.76
N GLY A 364 27.34 -13.36 6.91
CA GLY A 364 28.53 -13.91 6.25
C GLY A 364 29.48 -14.65 7.19
N TYR A 365 28.96 -15.18 8.30
CA TYR A 365 29.77 -15.98 9.23
C TYR A 365 30.32 -17.22 8.52
N ASN A 366 31.60 -17.56 8.77
CA ASN A 366 32.27 -18.55 7.95
C ASN A 366 33.32 -19.32 8.74
N ALA A 367 33.21 -19.37 10.08
CA ALA A 367 34.20 -20.07 10.89
C ALA A 367 34.18 -21.56 10.54
N PRO A 368 35.34 -22.15 10.21
CA PRO A 368 35.34 -23.56 9.81
C PRO A 368 34.86 -24.50 10.92
N GLY A 369 34.03 -25.47 10.53
CA GLY A 369 33.64 -26.51 11.48
C GLY A 369 32.49 -26.13 12.42
N ILE A 370 32.02 -24.87 12.36
N ILE A 370 32.00 -24.88 12.32
CA ILE A 370 30.93 -24.46 13.23
CA ILE A 370 30.92 -24.41 13.19
C ILE A 370 29.65 -24.34 12.42
C ILE A 370 29.64 -24.38 12.36
N PRO A 371 28.60 -25.16 12.73
CA PRO A 371 27.34 -25.09 12.00
C PRO A 371 26.79 -23.67 12.08
N LEU A 372 26.25 -23.23 10.94
CA LEU A 372 25.61 -21.93 10.88
C LEU A 372 24.15 -22.16 10.51
N TYR A 373 23.27 -21.76 11.43
CA TYR A 373 21.85 -21.97 11.26
C TYR A 373 21.28 -20.83 10.42
N LYS A 374 20.68 -21.18 9.28
N LYS A 374 20.66 -21.19 9.29
CA LYS A 374 20.30 -20.18 8.29
CA LYS A 374 20.27 -20.16 8.33
C LYS A 374 18.88 -20.38 7.77
C LYS A 374 18.95 -20.47 7.63
N LYS A 375 18.24 -21.52 8.08
CA LYS A 375 16.91 -21.78 7.54
C LYS A 375 15.90 -20.83 8.18
N MET A 376 15.29 -19.98 7.35
CA MET A 376 14.28 -19.06 7.85
C MET A 376 12.93 -19.37 7.23
N GLU A 377 11.88 -18.82 7.86
CA GLU A 377 10.53 -18.92 7.31
C GLU A 377 9.97 -17.50 7.34
N ALA A 378 9.45 -17.05 6.19
CA ALA A 378 8.85 -15.73 6.11
C ALA A 378 7.36 -15.88 6.36
N VAL A 379 6.82 -15.19 7.38
CA VAL A 379 5.47 -15.46 7.85
C VAL A 379 4.74 -14.15 8.15
N LYS A 380 3.40 -14.23 8.18
CA LYS A 380 2.58 -13.12 8.63
C LYS A 380 1.72 -13.63 9.78
N LEU A 381 2.14 -13.33 11.03
CA LEU A 381 1.53 -13.92 12.21
C LEU A 381 0.62 -12.92 12.91
N ARG A 382 0.65 -11.64 12.49
CA ARG A 382 -0.04 -10.60 13.24
C ARG A 382 -0.16 -9.35 12.37
N ASP A 383 -1.09 -8.44 12.77
CA ASP A 383 -1.20 -7.09 12.22
C ASP A 383 -1.56 -7.11 10.73
N LEU A 384 -2.75 -7.62 10.45
CA LEU A 384 -3.25 -7.80 9.10
C LEU A 384 -3.24 -6.52 8.26
N LYS A 385 -3.50 -5.36 8.85
CA LYS A 385 -3.65 -4.14 8.04
C LYS A 385 -2.30 -3.50 7.68
N THR A 386 -1.23 -3.94 8.35
CA THR A 386 0.08 -3.36 8.18
C THR A 386 0.89 -4.22 7.20
N TYR A 387 1.61 -3.56 6.30
CA TYR A 387 2.42 -4.28 5.31
C TYR A 387 3.78 -4.60 5.93
N SER A 388 3.76 -5.56 6.85
CA SER A 388 4.95 -5.99 7.58
C SER A 388 5.01 -7.51 7.54
N VAL A 389 6.20 -8.05 7.82
N VAL A 389 6.20 -8.02 7.92
CA VAL A 389 6.31 -9.49 7.92
CA VAL A 389 6.58 -9.43 7.78
C VAL A 389 7.13 -9.82 9.17
C VAL A 389 7.33 -9.85 9.03
N GLN A 390 7.14 -11.12 9.49
CA GLN A 390 8.00 -11.66 10.52
C GLN A 390 8.89 -12.71 9.86
N LEU A 391 10.05 -12.95 10.47
CA LEU A 391 11.03 -13.90 9.99
C LEU A 391 11.38 -14.83 11.14
N LYS A 392 11.25 -16.13 10.89
CA LYS A 392 11.50 -17.13 11.91
C LYS A 392 12.74 -17.93 11.54
N LEU A 393 13.65 -18.14 12.49
CA LEU A 393 14.88 -18.90 12.22
C LEU A 393 14.81 -20.27 12.88
N TYR A 394 15.31 -21.30 12.17
CA TYR A 394 15.36 -22.66 12.70
C TYR A 394 16.80 -23.17 12.75
N ASP A 395 17.06 -24.09 13.70
CA ASP A 395 18.34 -24.80 13.70
C ASP A 395 18.27 -26.00 12.75
N ASP A 396 19.34 -26.80 12.75
N ASP A 396 19.32 -26.82 12.75
CA ASP A 396 19.48 -27.91 11.83
CA ASP A 396 19.45 -27.91 11.80
C ASP A 396 18.55 -29.09 12.14
C ASP A 396 18.62 -29.14 12.18
N LYS A 397 17.93 -29.09 13.32
CA LYS A 397 16.93 -30.09 13.70
C LYS A 397 15.53 -29.49 13.59
N ASN A 398 15.39 -28.33 12.92
CA ASN A 398 14.10 -27.69 12.68
C ASN A 398 13.43 -27.27 13.99
N ALA A 399 14.23 -26.98 15.02
CA ALA A 399 13.72 -26.32 16.21
C ALA A 399 13.80 -24.81 16.02
N SER A 400 12.81 -24.10 16.56
CA SER A 400 12.78 -22.64 16.46
C SER A 400 13.89 -22.00 17.28
N LEU A 401 14.67 -21.11 16.64
CA LEU A 401 15.61 -20.25 17.35
C LEU A 401 14.99 -18.88 17.57
N GLY A 402 13.78 -18.64 17.04
CA GLY A 402 13.08 -17.41 17.35
C GLY A 402 12.68 -16.58 16.13
N LEU A 403 11.86 -15.58 16.41
CA LEU A 403 11.58 -14.55 15.41
C LEU A 403 12.69 -13.51 15.45
N VAL A 404 13.01 -12.93 14.28
CA VAL A 404 14.02 -11.90 14.18
C VAL A 404 13.47 -10.61 14.79
N GLY A 405 14.28 -10.01 15.67
CA GLY A 405 13.90 -8.79 16.37
C GLY A 405 15.15 -8.04 16.78
N THR A 406 15.05 -7.24 17.85
CA THR A 406 16.24 -6.55 18.34
C THR A 406 16.29 -6.67 19.86
N HIS A 407 17.50 -6.49 20.39
CA HIS A 407 17.71 -6.51 21.83
C HIS A 407 18.75 -5.45 22.13
N ASN A 408 18.55 -4.71 23.22
CA ASN A 408 19.47 -3.63 23.58
C ASN A 408 20.58 -4.20 24.46
N GLY A 409 21.83 -3.87 24.13
CA GLY A 409 22.95 -4.36 24.92
C GLY A 409 24.27 -3.99 24.25
N GLN A 410 25.33 -4.65 24.68
CA GLN A 410 26.62 -4.37 24.01
C GLN A 410 27.41 -5.66 23.80
N ILE A 411 28.20 -5.65 22.74
CA ILE A 411 29.06 -6.80 22.37
C ILE A 411 30.50 -6.32 22.57
N GLY A 412 31.22 -6.97 23.47
CA GLY A 412 32.56 -6.54 23.81
C GLY A 412 32.57 -5.10 24.30
N ASN A 413 33.49 -4.30 23.74
CA ASN A 413 33.69 -2.92 24.13
C ASN A 413 32.94 -1.97 23.21
N ASP A 414 32.04 -2.50 22.37
CA ASP A 414 31.29 -1.64 21.46
C ASP A 414 30.28 -0.80 22.26
N PRO A 415 29.80 0.32 21.66
CA PRO A 415 28.74 1.11 22.30
C PRO A 415 27.48 0.26 22.45
N ASN A 416 26.62 0.67 23.39
CA ASN A 416 25.29 0.12 23.55
C ASN A 416 24.56 0.29 22.22
N ARG A 417 23.90 -0.78 21.79
CA ARG A 417 23.21 -0.79 20.51
C ARG A 417 21.95 -1.64 20.61
N ASP A 418 21.03 -1.39 19.68
CA ASP A 418 19.87 -2.25 19.45
C ASP A 418 20.27 -3.23 18.36
N ILE A 419 20.53 -4.48 18.77
CA ILE A 419 21.23 -5.45 17.96
C ILE A 419 20.23 -6.47 17.44
N LEU A 420 20.39 -6.89 16.18
CA LEU A 420 19.44 -7.85 15.61
C LEU A 420 19.68 -9.23 16.20
N ILE A 421 18.57 -9.85 16.62
CA ILE A 421 18.60 -11.14 17.28
C ILE A 421 17.49 -12.02 16.72
N ALA A 422 17.54 -13.31 17.08
CA ALA A 422 16.35 -14.18 16.99
C ALA A 422 15.98 -14.59 18.41
N SER A 423 14.68 -14.52 18.73
CA SER A 423 14.24 -14.90 20.07
C SER A 423 12.87 -15.54 20.03
N ASN A 424 12.71 -16.59 20.85
CA ASN A 424 11.39 -17.19 21.00
C ASN A 424 10.48 -16.38 21.96
N TRP A 425 11.02 -15.31 22.58
CA TRP A 425 10.21 -14.50 23.50
C TRP A 425 8.96 -13.96 22.79
N TYR A 426 9.10 -13.64 21.49
CA TYR A 426 8.02 -12.97 20.78
C TYR A 426 6.76 -13.82 20.68
N PHE A 427 6.90 -15.16 20.69
CA PHE A 427 5.75 -16.06 20.56
C PHE A 427 4.74 -15.88 21.68
N ASN A 428 5.14 -15.30 22.82
CA ASN A 428 4.22 -15.17 23.94
C ASN A 428 3.53 -13.80 23.92
N HIS A 429 3.77 -13.00 22.86
CA HIS A 429 3.33 -11.61 22.85
C HIS A 429 2.71 -11.21 21.53
N LEU A 430 2.26 -12.18 20.72
CA LEU A 430 1.81 -11.89 19.36
C LEU A 430 0.53 -11.05 19.32
N LYS A 431 -0.18 -10.89 20.44
CA LYS A 431 -1.37 -10.05 20.39
C LYS A 431 -1.05 -8.60 20.72
N ASP A 432 0.21 -8.26 21.03
CA ASP A 432 0.49 -6.89 21.44
C ASP A 432 0.27 -5.94 20.25
N LYS A 433 -0.07 -4.70 20.55
CA LYS A 433 -0.32 -3.74 19.47
C LYS A 433 0.97 -3.49 18.68
N ILE A 434 2.09 -3.26 19.39
CA ILE A 434 3.40 -3.02 18.80
C ILE A 434 4.35 -4.11 19.25
N LEU A 435 5.17 -4.63 18.34
CA LEU A 435 6.05 -5.74 18.67
C LEU A 435 7.32 -5.61 17.85
N GLY A 436 8.46 -5.93 18.50
CA GLY A 436 9.77 -5.69 17.88
C GLY A 436 10.21 -6.74 16.85
N CYS A 437 9.36 -7.72 16.55
CA CYS A 437 9.64 -8.69 15.51
C CYS A 437 8.95 -8.38 14.19
N ASP A 438 8.34 -7.18 14.06
CA ASP A 438 7.65 -6.81 12.84
C ASP A 438 8.57 -5.95 11.98
N TRP A 439 8.70 -6.33 10.70
CA TRP A 439 9.60 -5.64 9.80
C TRP A 439 8.89 -5.16 8.53
N TYR A 440 9.25 -3.94 8.10
CA TYR A 440 8.90 -3.47 6.78
C TYR A 440 10.05 -3.82 5.83
N PHE A 441 9.69 -4.33 4.65
CA PHE A 441 10.68 -4.59 3.60
C PHE A 441 10.48 -3.52 2.52
N VAL A 442 11.46 -2.61 2.39
CA VAL A 442 11.24 -1.43 1.56
C VAL A 442 12.12 -1.54 0.31
N PRO A 443 11.52 -1.72 -0.90
CA PRO A 443 12.32 -1.68 -2.13
C PRO A 443 12.38 -0.25 -2.69
N THR A 444 13.50 0.07 -3.33
N THR A 444 13.48 0.05 -3.36
CA THR A 444 13.58 1.35 -4.02
CA THR A 444 13.60 1.31 -4.08
C THR A 444 12.49 1.42 -5.09
C THR A 444 12.47 1.41 -5.10
N ASP A 445 11.84 2.58 -5.19
CA ASP A 445 10.66 2.69 -6.01
C ASP A 445 10.60 4.10 -6.60
N GLU A 446 10.26 4.22 -7.90
CA GLU A 446 10.17 5.51 -8.58
C GLU A 446 9.13 6.45 -7.95
N GLY A 447 8.18 5.89 -7.18
CA GLY A 447 7.15 6.69 -6.52
C GLY A 447 7.62 7.28 -5.19
N TRP A 448 8.87 7.06 -4.79
CA TRP A 448 9.38 7.75 -3.60
C TRP A 448 10.87 8.03 -3.81
N THR A 449 11.17 9.32 -4.01
N THR A 449 11.17 9.31 -4.07
CA THR A 449 12.55 9.79 -4.07
CA THR A 449 12.54 9.78 -4.05
C THR A 449 12.72 10.82 -2.97
C THR A 449 12.67 10.78 -2.91
N ASN A 450 13.77 10.69 -2.17
CA ASN A 450 13.99 11.67 -1.11
C ASN A 450 14.30 13.04 -1.71
N ASP A 451 13.72 14.09 -1.12
CA ASP A 451 13.96 15.43 -1.63
C ASP A 451 15.37 15.89 -1.28
C1 BTB B . 13.05 -6.30 23.54
O1 BTB B . 14.39 -6.61 23.16
C2 BTB B . 12.62 -7.15 24.75
C3 BTB B . 13.24 -6.60 26.05
O3 BTB B . 14.64 -6.80 25.98
C4 BTB B . 11.09 -7.13 24.85
O4 BTB B . 10.63 -5.81 25.03
N BTB B . 13.08 -8.57 24.53
C5 BTB B . 12.64 -9.08 23.19
C6 BTB B . 13.72 -9.68 22.34
O6 BTB B . 15.00 -9.12 22.60
C7 BTB B . 12.66 -9.49 25.64
C8 BTB B . 13.66 -10.60 25.82
O8 BTB B . 14.99 -10.08 25.73
NA NA C . 15.17 -8.32 24.37
C1 GOL D . 0.82 2.99 6.67
O1 GOL D . 1.77 3.59 7.56
C2 GOL D . -0.44 3.83 6.50
O2 GOL D . -0.68 4.61 7.67
C3 GOL D . -0.37 4.71 5.28
O3 GOL D . 0.95 5.27 5.15
#